data_3GCG
#
_entry.id   3GCG
#
_cell.length_a   41.630
_cell.length_b   83.030
_cell.length_c   99.520
_cell.angle_alpha   90.00
_cell.angle_beta   90.00
_cell.angle_gamma   90.00
#
_symmetry.space_group_name_H-M   'P 21 21 21'
#
loop_
_entity.id
_entity.type
_entity.pdbx_description
1 polymer 'Cell division control protein 42 homolog'
2 polymer 'L0028 (Mitochondria associated protein)'
3 water water
#
loop_
_entity_poly.entity_id
_entity_poly.type
_entity_poly.pdbx_seq_one_letter_code
_entity_poly.pdbx_strand_id
1 'polypeptide(L)'
;GPLGSQTIKCVVVGDGAVGKTCLLISYTTNKFPSEYVPTVFDNYAVTVMIGGEPYTLGLFDTAGQEDYDRLRPLSYPQTD
VFLVCFSVVSPSSFENVKEKWVPEITHHCPKTPFLLVGTQIDLRDDPSTIEKLAKNKQKPITPETAEKLARDLKAVKYVE
CSALTQKGLKNVFDEAILAALE
;
A
2 'polypeptide(L)'
;GPLGSGMRFMPVQSNFVINHGKLTNQLLQAVAKQTRNGDTQQWFQQEQTTYISRTVNRTLDDYCRSNNSVISKETKGHIF
RAVENALQQPLDMNGAQSSIGHFLQSNKYFNQKVDEQCGKRVDPITRFNTQTKMIEQVSQEIFERNFSGFKVSEIKAITQ
NAILEHVQDTRL
;
B
#
# COMPACT_ATOMS: atom_id res chain seq x y z
N GLN A 6 8.04 -17.64 -8.68
CA GLN A 6 8.82 -17.78 -7.41
C GLN A 6 8.89 -16.44 -6.67
N THR A 7 7.99 -15.52 -7.02
CA THR A 7 7.99 -14.23 -6.37
C THR A 7 7.25 -14.22 -5.05
N ILE A 8 7.98 -13.84 -3.99
CA ILE A 8 7.43 -13.78 -2.65
C ILE A 8 6.59 -12.52 -2.49
N LYS A 9 5.33 -12.70 -2.11
CA LYS A 9 4.46 -11.54 -1.91
C LYS A 9 4.53 -11.02 -0.47
N CYS A 10 5.10 -9.83 -0.31
CA CYS A 10 5.21 -9.20 1.00
C CYS A 10 4.32 -7.94 1.03
N VAL A 11 3.33 -7.93 1.93
CA VAL A 11 2.41 -6.81 2.04
C VAL A 11 2.68 -6.04 3.32
N VAL A 12 2.78 -4.72 3.21
CA VAL A 12 3.06 -3.88 4.36
C VAL A 12 1.77 -3.28 4.92
N VAL A 13 1.39 -3.70 6.12
CA VAL A 13 0.18 -3.22 6.76
C VAL A 13 0.47 -2.39 8.01
N GLY A 14 -0.53 -1.63 8.46
CA GLY A 14 -0.39 -0.78 9.64
C GLY A 14 -1.10 0.57 9.53
N ASP A 15 -1.11 1.33 10.62
CA ASP A 15 -1.78 2.64 10.62
C ASP A 15 -1.08 3.63 9.69
N GLY A 16 -1.77 4.71 9.37
CA GLY A 16 -1.16 5.72 8.53
C GLY A 16 -0.17 6.45 9.43
N ALA A 17 0.55 7.41 8.89
CA ALA A 17 1.50 8.15 9.72
C ALA A 17 2.49 7.20 10.41
N VAL A 18 2.53 5.96 9.94
CA VAL A 18 3.45 4.97 10.46
C VAL A 18 4.64 4.98 9.49
N GLY A 19 4.41 5.54 8.31
CA GLY A 19 5.46 5.63 7.30
C GLY A 19 5.65 4.40 6.43
N LYS A 20 4.58 3.65 6.19
CA LYS A 20 4.69 2.45 5.38
C LYS A 20 5.30 2.73 4.01
N THR A 21 4.79 3.75 3.34
CA THR A 21 5.27 4.13 2.01
C THR A 21 6.74 4.52 2.03
N CYS A 22 7.10 5.41 2.95
CA CYS A 22 8.48 5.87 3.06
C CYS A 22 9.38 4.66 3.30
N LEU A 23 8.84 3.68 4.00
CA LEU A 23 9.58 2.45 4.29
C LEU A 23 9.90 1.69 3.01
N LEU A 24 8.91 1.54 2.12
CA LEU A 24 9.13 0.82 0.87
C LEU A 24 9.99 1.63 -0.10
N ILE A 25 9.78 2.95 -0.14
CA ILE A 25 10.56 3.78 -1.04
C ILE A 25 12.02 3.80 -0.60
N SER A 26 12.22 3.98 0.70
CA SER A 26 13.57 4.00 1.24
C SER A 26 14.28 2.70 0.89
N TYR A 27 13.56 1.59 0.97
CA TYR A 27 14.14 0.29 0.67
C TYR A 27 14.44 0.09 -0.82
N THR A 28 13.53 0.55 -1.68
CA THR A 28 13.69 0.40 -3.12
C THR A 28 14.63 1.39 -3.80
N THR A 29 15.13 2.36 -3.04
CA THR A 29 16.07 3.31 -3.60
C THR A 29 17.45 2.67 -3.50
N ASN A 30 17.48 1.37 -3.77
CA ASN A 30 18.70 0.55 -3.76
C ASN A 30 18.52 -0.55 -4.81
N GLU A 35 16.08 10.94 -5.84
CA GLU A 35 15.08 10.84 -6.89
C GLU A 35 13.91 11.42 -6.20
N TYR A 36 12.84 11.61 -6.93
CA TYR A 36 11.64 12.17 -6.30
C TYR A 36 10.85 11.06 -5.52
N VAL A 37 10.55 11.31 -4.25
CA VAL A 37 9.83 10.33 -3.45
C VAL A 37 8.37 10.62 -3.68
N PRO A 38 7.68 9.73 -4.43
CA PRO A 38 6.27 9.94 -4.71
C PRO A 38 5.30 9.57 -3.58
N THR A 39 4.04 9.95 -3.76
CA THR A 39 3.02 9.62 -2.80
C THR A 39 2.51 8.21 -3.09
N VAL A 40 2.43 7.88 -4.37
CA VAL A 40 1.94 6.57 -4.79
C VAL A 40 3.06 5.60 -5.13
N PHE A 41 3.22 4.57 -4.29
CA PHE A 41 4.23 3.54 -4.49
C PHE A 41 3.67 2.36 -5.30
N ASP A 42 4.22 2.13 -6.49
CA ASP A 42 3.75 1.02 -7.30
C ASP A 42 4.43 -0.28 -6.90
N ASN A 43 3.71 -1.38 -7.10
CA ASN A 43 4.25 -2.71 -6.79
C ASN A 43 5.67 -2.74 -7.31
N TYR A 44 6.59 -3.18 -6.47
CA TYR A 44 7.99 -3.23 -6.85
C TYR A 44 8.59 -4.56 -6.44
N ALA A 45 9.41 -5.13 -7.31
CA ALA A 45 10.06 -6.41 -7.02
C ALA A 45 11.58 -6.24 -7.05
N VAL A 46 12.27 -6.96 -6.19
CA VAL A 46 13.73 -6.88 -6.14
C VAL A 46 14.31 -8.26 -5.87
N THR A 47 15.50 -8.52 -6.42
CA THR A 47 16.16 -9.81 -6.23
C THR A 47 17.07 -9.70 -5.02
N VAL A 48 16.85 -10.56 -4.03
CA VAL A 48 17.67 -10.55 -2.83
C VAL A 48 18.42 -11.87 -2.67
N MET A 49 19.70 -11.76 -2.33
CA MET A 49 20.55 -12.94 -2.11
C MET A 49 20.44 -13.39 -0.66
N ILE A 50 20.19 -14.67 -0.46
CA ILE A 50 20.10 -15.24 0.89
C ILE A 50 20.61 -16.68 0.85
N GLY A 51 21.73 -16.92 1.54
CA GLY A 51 22.32 -18.25 1.54
C GLY A 51 22.78 -18.63 0.15
N GLY A 52 23.26 -17.66 -0.61
CA GLY A 52 23.75 -17.92 -1.95
C GLY A 52 22.68 -18.06 -3.04
N GLU A 53 21.41 -18.06 -2.63
CA GLU A 53 20.30 -18.22 -3.56
C GLU A 53 19.57 -16.90 -3.87
N PRO A 54 19.31 -16.64 -5.16
CA PRO A 54 18.61 -15.39 -5.52
C PRO A 54 17.09 -15.48 -5.41
N TYR A 55 16.50 -14.73 -4.49
CA TYR A 55 15.04 -14.73 -4.33
C TYR A 55 14.45 -13.42 -4.86
N THR A 56 13.24 -13.51 -5.42
CA THR A 56 12.55 -12.33 -5.92
C THR A 56 11.51 -11.93 -4.88
N LEU A 57 11.67 -10.71 -4.35
CA LEU A 57 10.74 -10.21 -3.35
C LEU A 57 9.77 -9.19 -3.94
N GLY A 58 8.48 -9.52 -3.87
CA GLY A 58 7.46 -8.62 -4.36
C GLY A 58 6.97 -7.77 -3.19
N LEU A 59 7.00 -6.44 -3.37
CA LEU A 59 6.60 -5.52 -2.32
C LEU A 59 5.31 -4.81 -2.70
N PHE A 60 4.35 -4.81 -1.77
CA PHE A 60 3.04 -4.20 -1.98
C PHE A 60 2.66 -3.29 -0.82
N ASP A 61 2.31 -2.05 -1.16
CA ASP A 61 1.94 -1.04 -0.16
C ASP A 61 0.40 -1.05 0.03
N THR A 62 -0.05 -0.64 1.22
CA THR A 62 -1.47 -0.58 1.53
C THR A 62 -1.82 0.84 2.01
N ALA A 63 -0.85 1.74 1.89
CA ALA A 63 -1.03 3.14 2.33
C ALA A 63 -2.33 3.78 1.86
N GLY A 64 -2.99 4.49 2.76
CA GLY A 64 -4.25 5.13 2.42
C GLY A 64 -5.53 4.34 2.71
N GLN A 65 -5.44 3.03 2.83
CA GLN A 65 -6.64 2.21 3.12
C GLN A 65 -6.92 2.01 4.62
N GLU A 66 -6.11 2.65 5.46
CA GLU A 66 -6.23 2.54 6.92
C GLU A 66 -7.68 2.44 7.37
N ASP A 67 -8.53 3.32 6.86
CA ASP A 67 -9.92 3.22 7.25
C ASP A 67 -10.92 3.19 6.12
N TYR A 68 -10.63 2.31 5.16
CA TYR A 68 -11.49 1.99 4.03
C TYR A 68 -11.51 0.46 4.15
N ASP A 69 -12.26 -0.02 5.15
CA ASP A 69 -12.35 -1.43 5.47
C ASP A 69 -12.83 -2.38 4.37
N ARG A 70 -13.45 -1.83 3.34
CA ARG A 70 -13.94 -2.65 2.24
C ARG A 70 -12.86 -2.91 1.19
N LEU A 71 -11.83 -2.09 1.19
CA LEU A 71 -10.74 -2.21 0.21
C LEU A 71 -9.62 -3.15 0.59
N ARG A 72 -9.18 -3.08 1.85
CA ARG A 72 -8.09 -3.90 2.38
C ARG A 72 -8.06 -5.40 2.08
N PRO A 73 -9.20 -6.10 2.26
CA PRO A 73 -9.29 -7.55 2.01
C PRO A 73 -8.80 -7.99 0.64
N LEU A 74 -8.93 -7.13 -0.36
CA LEU A 74 -8.51 -7.45 -1.71
C LEU A 74 -6.98 -7.53 -1.89
N SER A 75 -6.25 -7.08 -0.88
CA SER A 75 -4.79 -7.11 -0.92
C SER A 75 -4.22 -8.42 -0.36
N TYR A 76 -5.03 -9.15 0.40
CA TYR A 76 -4.59 -10.36 1.09
C TYR A 76 -4.41 -11.73 0.40
N PRO A 77 -5.27 -12.06 -0.58
CA PRO A 77 -5.08 -13.37 -1.22
C PRO A 77 -3.66 -13.60 -1.71
N GLN A 78 -3.11 -14.79 -1.43
CA GLN A 78 -1.77 -15.15 -1.88
C GLN A 78 -0.57 -14.43 -1.23
N THR A 79 -0.79 -13.80 -0.09
CA THR A 79 0.30 -13.13 0.60
C THR A 79 1.15 -14.18 1.30
N ASP A 80 2.47 -14.07 1.16
CA ASP A 80 3.40 -15.01 1.78
C ASP A 80 3.90 -14.53 3.12
N VAL A 81 3.99 -13.21 3.28
CA VAL A 81 4.45 -12.63 4.53
C VAL A 81 3.99 -11.19 4.68
N PHE A 82 3.49 -10.86 5.86
CA PHE A 82 3.02 -9.51 6.18
C PHE A 82 3.99 -8.80 7.10
N LEU A 83 4.13 -7.49 6.93
CA LEU A 83 4.96 -6.70 7.82
C LEU A 83 3.94 -5.84 8.56
N VAL A 84 3.60 -6.23 9.78
CA VAL A 84 2.66 -5.47 10.59
C VAL A 84 3.45 -4.38 11.28
N CYS A 85 3.32 -3.16 10.77
CA CYS A 85 4.08 -2.02 11.29
C CYS A 85 3.36 -1.10 12.27
N PHE A 86 4.17 -0.40 13.07
CA PHE A 86 3.71 0.57 14.06
C PHE A 86 4.87 1.51 14.30
N SER A 87 4.58 2.77 14.60
CA SER A 87 5.64 3.74 14.87
C SER A 87 6.02 3.62 16.34
N VAL A 88 7.30 3.43 16.60
CA VAL A 88 7.77 3.31 17.98
C VAL A 88 7.38 4.56 18.75
N VAL A 89 7.26 5.69 18.04
CA VAL A 89 6.89 6.95 18.68
C VAL A 89 5.40 7.23 18.47
N SER A 90 4.59 6.18 18.46
CA SER A 90 3.14 6.30 18.30
C SER A 90 2.44 5.15 19.01
N PRO A 91 2.20 5.31 20.32
CA PRO A 91 1.53 4.29 21.14
C PRO A 91 0.19 3.82 20.58
N SER A 92 -0.49 4.68 19.82
CA SER A 92 -1.78 4.31 19.26
C SER A 92 -1.63 3.38 18.05
N SER A 93 -0.47 3.41 17.40
CA SER A 93 -0.23 2.56 16.24
C SER A 93 0.19 1.18 16.72
N PHE A 94 0.96 1.16 17.81
CA PHE A 94 1.42 -0.08 18.43
C PHE A 94 0.19 -0.81 18.95
N GLU A 95 -0.70 -0.04 19.54
CA GLU A 95 -1.93 -0.55 20.12
C GLU A 95 -2.91 -1.06 19.08
N ASN A 96 -2.87 -0.49 17.87
CA ASN A 96 -3.77 -0.95 16.81
C ASN A 96 -3.28 -2.25 16.17
N VAL A 97 -2.02 -2.57 16.38
CA VAL A 97 -1.46 -3.82 15.84
C VAL A 97 -2.22 -4.96 16.49
N LYS A 98 -2.25 -4.95 17.82
CA LYS A 98 -2.93 -5.97 18.61
C LYS A 98 -4.44 -5.86 18.44
N GLU A 99 -4.91 -4.62 18.35
CA GLU A 99 -6.33 -4.33 18.22
C GLU A 99 -7.00 -4.43 16.86
N LYS A 100 -6.28 -4.10 15.79
CA LYS A 100 -6.89 -4.11 14.46
C LYS A 100 -6.20 -4.93 13.37
N TRP A 101 -4.90 -4.73 13.21
CA TRP A 101 -4.11 -5.39 12.17
C TRP A 101 -3.87 -6.90 12.30
N VAL A 102 -3.32 -7.35 13.43
CA VAL A 102 -3.08 -8.79 13.58
C VAL A 102 -4.42 -9.53 13.51
N PRO A 103 -5.45 -9.01 14.17
CA PRO A 103 -6.72 -9.74 14.07
C PRO A 103 -7.21 -9.81 12.62
N GLU A 104 -6.98 -8.72 11.89
CA GLU A 104 -7.42 -8.66 10.50
C GLU A 104 -6.67 -9.61 9.57
N ILE A 105 -5.35 -9.68 9.71
CA ILE A 105 -4.57 -10.58 8.86
C ILE A 105 -4.77 -12.02 9.28
N THR A 106 -4.95 -12.24 10.59
CA THR A 106 -5.16 -13.57 11.12
C THR A 106 -6.48 -14.11 10.60
N HIS A 107 -7.45 -13.22 10.44
CA HIS A 107 -8.76 -13.59 9.93
C HIS A 107 -8.69 -13.98 8.46
N HIS A 108 -8.12 -13.13 7.62
CA HIS A 108 -8.00 -13.42 6.20
C HIS A 108 -6.89 -14.40 5.83
N CYS A 109 -5.80 -14.39 6.60
CA CYS A 109 -4.66 -15.27 6.31
C CYS A 109 -4.08 -15.88 7.58
N PRO A 110 -4.83 -16.81 8.20
CA PRO A 110 -4.40 -17.47 9.44
C PRO A 110 -3.12 -18.28 9.36
N LYS A 111 -2.78 -18.76 8.16
CA LYS A 111 -1.58 -19.56 7.99
C LYS A 111 -0.38 -18.72 7.53
N THR A 112 -0.64 -17.49 7.10
CA THR A 112 0.41 -16.60 6.62
C THR A 112 1.22 -15.96 7.75
N PRO A 113 2.55 -16.08 7.70
CA PRO A 113 3.41 -15.50 8.74
C PRO A 113 3.56 -13.98 8.62
N PHE A 114 3.95 -13.35 9.71
CA PHE A 114 4.11 -11.90 9.71
C PHE A 114 5.15 -11.45 10.74
N LEU A 115 5.86 -10.37 10.41
CA LEU A 115 6.85 -9.83 11.31
C LEU A 115 6.21 -8.62 11.97
N LEU A 116 6.56 -8.37 13.23
CA LEU A 116 6.05 -7.19 13.91
C LEU A 116 7.13 -6.18 13.58
N VAL A 117 6.74 -5.05 13.01
CA VAL A 117 7.74 -4.06 12.63
C VAL A 117 7.56 -2.71 13.28
N GLY A 118 8.64 -2.20 13.87
CA GLY A 118 8.61 -0.90 14.49
C GLY A 118 9.38 0.08 13.63
N THR A 119 8.74 1.21 13.30
CA THR A 119 9.40 2.22 12.47
C THR A 119 9.72 3.50 13.24
N GLN A 120 10.38 4.43 12.54
CA GLN A 120 10.77 5.72 13.07
C GLN A 120 11.52 5.65 14.40
N ILE A 121 12.41 4.69 14.54
CA ILE A 121 13.17 4.55 15.78
C ILE A 121 14.15 5.72 15.94
N ASP A 122 14.28 6.52 14.90
CA ASP A 122 15.14 7.69 14.91
C ASP A 122 14.54 8.83 15.74
N LEU A 123 13.22 8.83 15.87
CA LEU A 123 12.55 9.87 16.63
C LEU A 123 12.45 9.49 18.11
N ARG A 124 12.75 8.23 18.40
CA ARG A 124 12.71 7.76 19.77
C ARG A 124 13.79 8.52 20.54
N ASP A 125 14.82 8.95 19.82
CA ASP A 125 15.93 9.71 20.40
C ASP A 125 15.72 11.19 20.10
N ASP A 126 14.48 11.66 20.23
CA ASP A 126 14.19 13.07 19.95
C ASP A 126 13.35 13.72 21.04
N PRO A 127 13.91 14.73 21.72
CA PRO A 127 13.24 15.46 22.80
C PRO A 127 11.87 16.00 22.40
N SER A 128 11.82 16.70 21.27
CA SER A 128 10.56 17.25 20.78
C SER A 128 9.46 16.19 20.84
N THR A 129 9.76 15.00 20.32
CA THR A 129 8.79 13.92 20.30
C THR A 129 8.47 13.44 21.70
N ILE A 130 9.51 13.11 22.49
CA ILE A 130 9.26 12.64 23.85
C ILE A 130 8.45 13.70 24.58
N GLU A 131 8.79 14.96 24.33
CA GLU A 131 8.08 16.09 24.94
C GLU A 131 6.62 16.04 24.50
N LYS A 132 6.37 16.21 23.21
CA LYS A 132 5.00 16.19 22.70
C LYS A 132 4.48 14.77 22.52
N LEU A 133 4.87 13.92 23.47
CA LEU A 133 4.44 12.53 23.54
C LEU A 133 4.21 12.41 25.03
N ALA A 134 5.04 13.15 25.76
CA ALA A 134 4.99 13.22 27.21
C ALA A 134 3.71 13.94 27.60
N LYS A 135 2.98 14.40 26.59
CA LYS A 135 1.78 15.14 26.88
C LYS A 135 0.65 14.25 27.37
N ASN A 136 0.09 13.46 26.47
CA ASN A 136 -1.00 12.57 26.82
C ASN A 136 -0.53 11.43 27.71
N LYS A 137 0.44 11.70 28.58
CA LYS A 137 0.95 10.66 29.47
C LYS A 137 1.46 9.48 28.64
N GLN A 138 2.32 9.76 27.66
CA GLN A 138 2.85 8.69 26.83
C GLN A 138 4.36 8.78 26.63
N LYS A 139 4.97 7.62 26.39
CA LYS A 139 6.41 7.50 26.18
C LYS A 139 6.62 6.57 24.97
N PRO A 140 7.73 6.74 24.24
CA PRO A 140 7.98 5.87 23.09
C PRO A 140 7.96 4.40 23.49
N ILE A 141 7.74 3.52 22.52
CA ILE A 141 7.69 2.09 22.79
C ILE A 141 9.08 1.46 22.76
N THR A 142 9.31 0.50 23.64
CA THR A 142 10.60 -0.20 23.74
C THR A 142 10.56 -1.58 23.10
N PRO A 143 11.75 -2.09 22.70
CA PRO A 143 11.88 -3.42 22.08
C PRO A 143 11.31 -4.50 22.99
N GLU A 144 11.53 -4.32 24.29
CA GLU A 144 11.04 -5.26 25.30
C GLU A 144 9.52 -5.36 25.24
N THR A 145 8.85 -4.23 25.44
CA THR A 145 7.40 -4.19 25.41
C THR A 145 6.94 -4.64 24.03
N ALA A 146 7.77 -4.39 23.03
CA ALA A 146 7.46 -4.75 21.65
C ALA A 146 7.48 -6.26 21.37
N GLU A 147 8.48 -6.95 21.89
CA GLU A 147 8.57 -8.38 21.69
C GLU A 147 7.48 -9.13 22.43
N LYS A 148 7.13 -8.64 23.61
CA LYS A 148 6.09 -9.28 24.39
C LYS A 148 4.80 -9.32 23.58
N LEU A 149 4.54 -8.25 22.82
CA LEU A 149 3.34 -8.21 22.00
C LEU A 149 3.54 -9.11 20.77
N ALA A 150 4.77 -9.13 20.25
CA ALA A 150 5.09 -9.96 19.10
C ALA A 150 4.81 -11.40 19.53
N ARG A 151 5.11 -11.67 20.80
CA ARG A 151 4.89 -12.98 21.40
C ARG A 151 3.39 -13.23 21.49
N ASP A 152 2.70 -12.40 22.29
CA ASP A 152 1.26 -12.52 22.49
C ASP A 152 0.47 -12.74 21.20
N LEU A 153 0.90 -12.09 20.12
CA LEU A 153 0.19 -12.18 18.85
C LEU A 153 0.66 -13.22 17.83
N LYS A 154 1.64 -14.04 18.22
CA LYS A 154 2.17 -15.10 17.36
C LYS A 154 2.98 -14.61 16.17
N ALA A 155 3.54 -13.41 16.27
CA ALA A 155 4.36 -12.90 15.18
C ALA A 155 5.57 -13.80 15.10
N VAL A 156 6.10 -13.98 13.90
CA VAL A 156 7.29 -14.80 13.73
C VAL A 156 8.36 -14.18 14.61
N LYS A 157 8.69 -12.94 14.29
CA LYS A 157 9.73 -12.18 14.99
C LYS A 157 9.29 -10.73 15.16
N TYR A 158 10.20 -9.90 15.66
CA TYR A 158 9.96 -8.48 15.83
C TYR A 158 11.24 -7.79 15.42
N VAL A 159 11.14 -6.79 14.55
CA VAL A 159 12.32 -6.05 14.10
C VAL A 159 11.92 -4.60 14.01
N GLU A 160 12.91 -3.73 13.96
CA GLU A 160 12.66 -2.29 13.85
C GLU A 160 13.68 -1.65 12.94
N CYS A 161 13.37 -0.44 12.48
CA CYS A 161 14.27 0.26 11.58
C CYS A 161 13.90 1.73 11.48
N SER A 162 14.55 2.40 10.55
CA SER A 162 14.31 3.81 10.28
C SER A 162 14.45 4.01 8.79
N ALA A 163 13.35 4.36 8.14
CA ALA A 163 13.37 4.62 6.71
C ALA A 163 14.34 5.77 6.47
N LEU A 164 14.36 6.70 7.42
CA LEU A 164 15.19 7.89 7.38
C LEU A 164 16.69 7.57 7.39
N THR A 165 17.17 6.93 8.45
CA THR A 165 18.59 6.60 8.57
C THR A 165 18.95 5.29 7.86
N GLN A 166 17.92 4.49 7.56
CA GLN A 166 18.09 3.20 6.90
C GLN A 166 18.66 2.15 7.84
N LYS A 167 18.78 2.50 9.11
CA LYS A 167 19.30 1.56 10.08
C LYS A 167 18.29 0.44 10.23
N GLY A 168 18.77 -0.80 10.11
CA GLY A 168 17.92 -1.97 10.23
C GLY A 168 16.96 -2.20 9.09
N LEU A 169 17.00 -1.33 8.08
CA LEU A 169 16.11 -1.45 6.93
C LEU A 169 16.28 -2.77 6.19
N LYS A 170 17.45 -2.95 5.59
CA LYS A 170 17.74 -4.17 4.84
C LYS A 170 17.41 -5.43 5.64
N ASN A 171 17.67 -5.41 6.94
CA ASN A 171 17.42 -6.57 7.78
C ASN A 171 15.94 -6.93 7.85
N VAL A 172 15.09 -5.91 7.93
CA VAL A 172 13.66 -6.11 7.98
C VAL A 172 13.21 -7.03 6.84
N PHE A 173 13.65 -6.71 5.64
CA PHE A 173 13.29 -7.45 4.45
C PHE A 173 13.96 -8.82 4.30
N ASP A 174 15.16 -8.98 4.86
CA ASP A 174 15.84 -10.28 4.80
C ASP A 174 15.02 -11.25 5.63
N GLU A 175 14.55 -10.78 6.78
CA GLU A 175 13.74 -11.58 7.69
C GLU A 175 12.38 -11.88 7.06
N ALA A 176 11.86 -10.93 6.30
CA ALA A 176 10.55 -11.11 5.64
C ALA A 176 10.67 -12.32 4.72
N ILE A 177 11.74 -12.33 3.94
CA ILE A 177 12.00 -13.43 3.02
C ILE A 177 12.20 -14.71 3.83
N LEU A 178 13.06 -14.64 4.84
CA LEU A 178 13.31 -15.80 5.68
C LEU A 178 11.99 -16.38 6.17
N ALA A 179 11.13 -15.53 6.72
CA ALA A 179 9.85 -15.96 7.24
C ALA A 179 8.96 -16.62 6.17
N ALA A 180 8.97 -16.07 4.96
CA ALA A 180 8.16 -16.60 3.87
C ALA A 180 8.64 -17.96 3.38
N LEU A 181 9.95 -18.22 3.51
CA LEU A 181 10.53 -19.49 3.07
C LEU A 181 10.22 -20.65 4.01
N GLU A 182 8.98 -21.12 4.00
CA GLU A 182 8.58 -22.23 4.85
C GLU A 182 7.76 -23.27 4.07
N PHE B 16 -2.93 -7.31 -26.16
CA PHE B 16 -3.71 -8.47 -25.62
C PHE B 16 -5.16 -8.05 -25.39
N VAL B 17 -6.04 -9.03 -25.24
CA VAL B 17 -7.46 -8.76 -25.02
C VAL B 17 -7.96 -9.47 -23.76
N ILE B 18 -8.82 -8.79 -23.02
CA ILE B 18 -9.36 -9.38 -21.82
C ILE B 18 -10.80 -8.92 -21.67
N ASN B 19 -11.65 -9.77 -21.09
CA ASN B 19 -13.06 -9.45 -20.90
C ASN B 19 -13.25 -8.69 -19.58
N HIS B 20 -13.16 -7.37 -19.64
CA HIS B 20 -13.31 -6.52 -18.45
C HIS B 20 -14.60 -6.82 -17.70
N GLY B 21 -15.63 -7.24 -18.44
CA GLY B 21 -16.90 -7.57 -17.82
C GLY B 21 -16.79 -8.78 -16.91
N LYS B 22 -16.08 -9.81 -17.36
CA LYS B 22 -15.90 -11.02 -16.55
C LYS B 22 -15.05 -10.68 -15.33
N LEU B 23 -14.06 -9.84 -15.53
CA LEU B 23 -13.20 -9.45 -14.43
C LEU B 23 -14.04 -8.76 -13.36
N THR B 24 -14.84 -7.79 -13.78
CA THR B 24 -15.69 -7.04 -12.86
C THR B 24 -16.59 -7.97 -12.07
N ASN B 25 -17.15 -8.97 -12.74
CA ASN B 25 -18.02 -9.92 -12.05
C ASN B 25 -17.25 -10.70 -11.01
N GLN B 26 -15.99 -11.00 -11.31
CA GLN B 26 -15.15 -11.74 -10.38
C GLN B 26 -14.71 -10.81 -9.24
N LEU B 27 -14.54 -9.52 -9.55
CA LEU B 27 -14.14 -8.56 -8.53
C LEU B 27 -15.36 -8.37 -7.59
N LEU B 28 -16.53 -8.21 -8.18
CA LEU B 28 -17.75 -8.02 -7.39
C LEU B 28 -18.03 -9.23 -6.51
N GLN B 29 -17.81 -10.43 -7.05
CA GLN B 29 -18.02 -11.64 -6.28
C GLN B 29 -17.14 -11.63 -5.05
N ALA B 30 -15.88 -11.25 -5.22
CA ALA B 30 -14.93 -11.19 -4.12
C ALA B 30 -15.42 -10.21 -3.06
N VAL B 31 -15.96 -9.09 -3.51
CA VAL B 31 -16.48 -8.08 -2.59
C VAL B 31 -17.62 -8.66 -1.75
N ALA B 32 -18.51 -9.40 -2.40
CA ALA B 32 -19.67 -10.01 -1.75
C ALA B 32 -19.34 -10.96 -0.59
N LYS B 33 -18.15 -11.56 -0.59
CA LYS B 33 -17.79 -12.48 0.49
C LYS B 33 -17.59 -11.76 1.81
N GLN B 34 -17.37 -10.45 1.74
CA GLN B 34 -17.14 -9.66 2.94
C GLN B 34 -18.34 -9.60 3.89
N THR B 35 -19.53 -9.42 3.35
CA THR B 35 -20.73 -9.35 4.16
C THR B 35 -21.52 -10.67 4.07
N ARG B 36 -22.81 -10.58 3.77
CA ARG B 36 -23.64 -11.77 3.63
C ARG B 36 -24.73 -11.47 2.60
N ASN B 37 -25.18 -10.22 2.60
CA ASN B 37 -26.19 -9.79 1.65
C ASN B 37 -25.49 -9.51 0.32
N GLY B 38 -24.18 -9.73 0.29
CA GLY B 38 -23.41 -9.51 -0.92
C GLY B 38 -23.38 -8.05 -1.32
N ASP B 39 -23.47 -7.17 -0.33
CA ASP B 39 -23.46 -5.73 -0.57
C ASP B 39 -22.18 -5.33 -1.29
N THR B 40 -22.27 -4.34 -2.17
CA THR B 40 -21.11 -3.86 -2.89
C THR B 40 -21.11 -2.34 -2.92
N GLN B 41 -22.14 -1.76 -2.29
CA GLN B 41 -22.33 -0.31 -2.24
C GLN B 41 -21.19 0.38 -1.50
N GLN B 42 -20.91 -0.10 -0.29
CA GLN B 42 -19.85 0.50 0.51
C GLN B 42 -18.53 0.39 -0.22
N TRP B 43 -18.24 -0.82 -0.74
CA TRP B 43 -17.01 -1.03 -1.48
C TRP B 43 -16.92 -0.03 -2.63
N PHE B 44 -18.03 0.13 -3.37
CA PHE B 44 -18.06 1.05 -4.51
C PHE B 44 -17.69 2.48 -4.10
N GLN B 45 -18.31 2.96 -3.02
CA GLN B 45 -18.06 4.29 -2.50
C GLN B 45 -16.59 4.50 -2.14
N GLN B 46 -16.04 3.56 -1.36
CA GLN B 46 -14.65 3.64 -0.93
C GLN B 46 -13.65 3.59 -2.08
N GLU B 47 -13.85 2.64 -2.99
CA GLU B 47 -12.95 2.49 -4.13
C GLU B 47 -12.99 3.74 -5.02
N GLN B 48 -14.19 4.25 -5.28
CA GLN B 48 -14.32 5.45 -6.11
C GLN B 48 -13.50 6.63 -5.59
N THR B 49 -13.66 6.97 -4.31
CA THR B 49 -12.90 8.10 -3.77
C THR B 49 -11.42 7.75 -3.67
N THR B 50 -11.12 6.47 -3.50
CA THR B 50 -9.73 6.03 -3.41
C THR B 50 -9.03 6.04 -4.77
N TYR B 51 -9.65 5.46 -5.78
CA TYR B 51 -9.08 5.41 -7.13
C TYR B 51 -8.89 6.81 -7.71
N ILE B 52 -9.88 7.66 -7.50
CA ILE B 52 -9.83 9.03 -7.99
C ILE B 52 -8.76 9.83 -7.25
N SER B 53 -8.67 9.62 -5.93
CA SER B 53 -7.67 10.31 -5.10
C SER B 53 -6.26 9.90 -5.49
N ARG B 54 -6.09 8.63 -5.81
CA ARG B 54 -4.78 8.16 -6.19
C ARG B 54 -4.44 8.73 -7.58
N THR B 55 -5.44 8.82 -8.45
CA THR B 55 -5.25 9.39 -9.78
C THR B 55 -4.77 10.83 -9.59
N VAL B 56 -5.37 11.53 -8.63
CA VAL B 56 -4.99 12.91 -8.34
C VAL B 56 -3.58 12.97 -7.79
N ASN B 57 -3.28 12.13 -6.81
CA ASN B 57 -1.94 12.10 -6.21
C ASN B 57 -0.87 11.73 -7.23
N ARG B 58 -1.25 10.88 -8.17
CA ARG B 58 -0.35 10.42 -9.23
C ARG B 58 -0.01 11.60 -10.13
N THR B 59 -1.01 12.43 -10.41
CA THR B 59 -0.81 13.60 -11.27
C THR B 59 0.10 14.59 -10.55
N LEU B 60 -0.07 14.71 -9.23
CA LEU B 60 0.76 15.61 -8.46
C LEU B 60 2.20 15.11 -8.46
N ASP B 61 2.38 13.80 -8.30
CA ASP B 61 3.71 13.20 -8.29
C ASP B 61 4.41 13.49 -9.61
N ASP B 62 3.70 13.29 -10.72
CA ASP B 62 4.28 13.53 -12.04
C ASP B 62 4.65 14.97 -12.22
N TYR B 63 3.83 15.87 -11.69
CA TYR B 63 4.10 17.30 -11.79
C TYR B 63 5.35 17.68 -11.01
N CYS B 64 5.44 17.24 -9.76
CA CYS B 64 6.60 17.57 -8.93
C CYS B 64 7.89 16.95 -9.44
N ARG B 65 7.80 15.74 -10.00
CA ARG B 65 8.97 15.05 -10.53
C ARG B 65 9.65 15.85 -11.64
N SER B 66 8.92 16.09 -12.73
CA SER B 66 9.46 16.82 -13.86
C SER B 66 9.88 18.26 -13.55
N ASN B 67 9.23 18.88 -12.57
CA ASN B 67 9.54 20.27 -12.21
C ASN B 67 10.46 20.42 -11.01
N ASN B 68 10.67 19.32 -10.28
CA ASN B 68 11.53 19.36 -9.10
C ASN B 68 10.90 20.26 -8.05
N SER B 69 9.59 20.51 -8.21
CA SER B 69 8.87 21.36 -7.27
C SER B 69 8.53 20.62 -6.00
N VAL B 70 8.19 21.39 -4.98
CA VAL B 70 7.78 20.84 -3.68
C VAL B 70 6.55 21.62 -3.29
N ILE B 71 5.41 20.93 -3.27
CA ILE B 71 4.16 21.56 -2.89
C ILE B 71 3.83 21.24 -1.44
N SER B 72 3.58 22.29 -0.66
CA SER B 72 3.23 22.11 0.75
C SER B 72 1.91 21.37 0.87
N LYS B 73 1.75 20.63 1.96
CA LYS B 73 0.54 19.87 2.20
C LYS B 73 -0.67 20.80 2.24
N GLU B 74 -0.44 22.07 2.53
CA GLU B 74 -1.54 23.03 2.56
C GLU B 74 -2.03 23.15 1.12
N THR B 75 -1.11 23.53 0.24
CA THR B 75 -1.40 23.68 -1.18
C THR B 75 -1.97 22.38 -1.73
N LYS B 76 -1.45 21.25 -1.28
CA LYS B 76 -1.96 19.97 -1.74
C LYS B 76 -3.45 19.88 -1.41
N GLY B 77 -3.81 20.33 -0.21
CA GLY B 77 -5.21 20.31 0.20
C GLY B 77 -6.07 21.21 -0.67
N HIS B 78 -5.58 22.40 -1.00
CA HIS B 78 -6.37 23.29 -1.84
C HIS B 78 -6.60 22.62 -3.19
N ILE B 79 -5.59 21.92 -3.69
CA ILE B 79 -5.71 21.24 -4.97
C ILE B 79 -6.75 20.12 -4.86
N PHE B 80 -6.72 19.37 -3.77
CA PHE B 80 -7.66 18.29 -3.59
C PHE B 80 -9.12 18.79 -3.46
N ARG B 81 -9.31 19.90 -2.76
CA ARG B 81 -10.65 20.45 -2.61
C ARG B 81 -11.13 20.98 -3.96
N ALA B 82 -10.22 21.59 -4.71
CA ALA B 82 -10.55 22.12 -6.03
C ALA B 82 -11.01 20.98 -6.93
N VAL B 83 -10.26 19.89 -6.93
CA VAL B 83 -10.64 18.75 -7.76
C VAL B 83 -11.92 18.16 -7.20
N GLU B 84 -12.06 18.25 -5.89
CA GLU B 84 -13.23 17.73 -5.18
C GLU B 84 -14.47 18.48 -5.62
N ASN B 85 -14.39 19.82 -5.68
CA ASN B 85 -15.52 20.63 -6.10
C ASN B 85 -15.85 20.38 -7.57
N ALA B 86 -14.83 20.38 -8.41
CA ALA B 86 -15.01 20.18 -9.84
C ALA B 86 -15.66 18.84 -10.18
N LEU B 87 -15.35 17.80 -9.42
CA LEU B 87 -15.90 16.47 -9.65
C LEU B 87 -17.15 16.20 -8.84
N GLN B 88 -17.40 17.02 -7.83
CA GLN B 88 -18.57 16.81 -6.98
C GLN B 88 -18.43 15.41 -6.45
N GLN B 89 -17.24 15.11 -5.93
CA GLN B 89 -16.96 13.79 -5.38
C GLN B 89 -16.02 13.96 -4.19
N PRO B 90 -16.34 13.31 -3.06
CA PRO B 90 -15.46 13.45 -1.89
C PRO B 90 -14.13 12.75 -2.19
N LEU B 91 -13.02 13.35 -1.78
CA LEU B 91 -11.71 12.78 -2.03
C LEU B 91 -10.91 12.66 -0.72
N ASP B 92 -9.78 11.97 -0.79
CA ASP B 92 -8.93 11.77 0.39
C ASP B 92 -7.47 11.92 -0.09
N MET B 93 -6.79 12.97 0.34
CA MET B 93 -5.44 13.17 -0.13
C MET B 93 -4.42 12.10 0.21
N ASN B 94 -4.84 11.06 0.93
CA ASN B 94 -3.94 9.95 1.26
C ASN B 94 -4.21 8.79 0.30
N GLY B 95 -5.23 8.93 -0.54
CA GLY B 95 -5.57 7.87 -1.49
C GLY B 95 -4.39 7.52 -2.38
N ALA B 96 -4.09 6.23 -2.50
CA ALA B 96 -2.96 5.82 -3.34
C ALA B 96 -2.95 4.35 -3.78
N GLN B 97 -3.80 3.53 -3.19
CA GLN B 97 -3.86 2.10 -3.54
C GLN B 97 -5.30 1.66 -3.79
N SER B 98 -5.57 1.30 -5.03
CA SER B 98 -6.88 0.86 -5.48
C SER B 98 -7.06 -0.63 -5.19
N SER B 99 -8.22 -1.02 -4.65
CA SER B 99 -8.41 -2.43 -4.39
C SER B 99 -8.65 -3.18 -5.69
N ILE B 100 -8.90 -2.44 -6.77
CA ILE B 100 -9.11 -3.06 -8.07
C ILE B 100 -7.77 -3.58 -8.58
N GLY B 101 -6.74 -2.75 -8.45
CA GLY B 101 -5.42 -3.16 -8.90
C GLY B 101 -4.90 -4.29 -8.04
N HIS B 102 -5.20 -4.25 -6.75
CA HIS B 102 -4.73 -5.30 -5.86
C HIS B 102 -5.51 -6.57 -6.11
N PHE B 103 -6.78 -6.45 -6.44
CA PHE B 103 -7.58 -7.63 -6.74
C PHE B 103 -6.97 -8.36 -7.95
N LEU B 104 -6.67 -7.62 -9.01
CA LEU B 104 -6.10 -8.22 -10.22
C LEU B 104 -4.80 -8.99 -9.94
N GLN B 105 -3.98 -8.45 -9.05
CA GLN B 105 -2.70 -9.06 -8.71
C GLN B 105 -2.77 -10.55 -8.38
N SER B 106 -3.86 -10.97 -7.72
CA SER B 106 -3.99 -12.37 -7.36
C SER B 106 -5.16 -13.08 -8.07
N ASN B 107 -5.58 -12.52 -9.20
CA ASN B 107 -6.67 -13.09 -9.99
C ASN B 107 -6.12 -14.04 -11.06
N LYS B 108 -6.69 -15.24 -11.14
CA LYS B 108 -6.26 -16.26 -12.10
C LYS B 108 -6.37 -15.83 -13.55
N TYR B 109 -7.57 -15.46 -13.95
CA TYR B 109 -7.83 -15.03 -15.32
C TYR B 109 -6.87 -13.94 -15.76
N PHE B 110 -6.72 -12.92 -14.93
CA PHE B 110 -5.82 -11.82 -15.22
C PHE B 110 -4.36 -12.27 -15.35
N ASN B 111 -3.90 -13.10 -14.43
CA ASN B 111 -2.51 -13.56 -14.48
C ASN B 111 -2.21 -14.50 -15.64
N GLN B 112 -3.24 -15.19 -16.11
CA GLN B 112 -3.09 -16.09 -17.26
C GLN B 112 -2.74 -15.17 -18.44
N LYS B 113 -3.36 -13.99 -18.47
CA LYS B 113 -3.10 -13.01 -19.51
C LYS B 113 -1.70 -12.41 -19.34
N VAL B 114 -1.27 -12.26 -18.09
CA VAL B 114 0.07 -11.73 -17.81
C VAL B 114 1.10 -12.69 -18.40
N ASP B 115 0.92 -13.98 -18.14
CA ASP B 115 1.82 -14.99 -18.67
C ASP B 115 1.84 -14.90 -20.19
N GLU B 116 0.69 -15.12 -20.81
CA GLU B 116 0.57 -15.04 -22.25
C GLU B 116 1.32 -13.83 -22.79
N GLN B 117 1.22 -12.72 -22.08
CA GLN B 117 1.86 -11.46 -22.46
C GLN B 117 3.37 -11.42 -22.28
N CYS B 118 3.88 -12.13 -21.28
CA CYS B 118 5.32 -12.16 -21.04
C CYS B 118 6.00 -13.00 -22.10
N GLY B 119 5.20 -13.85 -22.73
CA GLY B 119 5.71 -14.72 -23.78
C GLY B 119 7.04 -15.38 -23.52
N LYS B 120 8.03 -15.01 -24.32
CA LYS B 120 9.37 -15.57 -24.23
C LYS B 120 10.08 -15.29 -22.91
N ARG B 121 9.71 -14.19 -22.26
CA ARG B 121 10.38 -13.82 -21.01
C ARG B 121 9.73 -14.23 -19.71
N VAL B 122 10.58 -14.71 -18.81
CA VAL B 122 10.17 -15.09 -17.47
C VAL B 122 11.39 -14.95 -16.56
N ASP B 123 11.80 -13.70 -16.44
CA ASP B 123 12.87 -13.26 -15.57
C ASP B 123 11.89 -12.81 -14.49
N PRO B 124 11.86 -13.50 -13.35
CA PRO B 124 10.92 -13.10 -12.29
C PRO B 124 10.64 -11.60 -12.25
N ILE B 125 11.69 -10.80 -12.45
CA ILE B 125 11.56 -9.35 -12.43
C ILE B 125 10.78 -8.79 -13.62
N THR B 126 11.19 -9.16 -14.84
CA THR B 126 10.50 -8.67 -16.03
C THR B 126 9.03 -9.06 -16.00
N ARG B 127 8.75 -10.29 -15.59
CA ARG B 127 7.37 -10.76 -15.50
C ARG B 127 6.59 -9.89 -14.52
N PHE B 128 7.21 -9.61 -13.37
CA PHE B 128 6.58 -8.80 -12.34
C PHE B 128 6.29 -7.38 -12.84
N ASN B 129 7.25 -6.76 -13.48
CA ASN B 129 7.04 -5.41 -13.99
C ASN B 129 5.92 -5.40 -15.03
N THR B 130 5.91 -6.43 -15.86
CA THR B 130 4.87 -6.58 -16.88
C THR B 130 3.53 -6.69 -16.15
N GLN B 131 3.51 -7.44 -15.05
CA GLN B 131 2.28 -7.60 -14.29
C GLN B 131 1.78 -6.25 -13.75
N THR B 132 2.69 -5.48 -13.18
CA THR B 132 2.31 -4.18 -12.61
C THR B 132 1.84 -3.24 -13.70
N LYS B 133 2.48 -3.27 -14.85
CA LYS B 133 2.07 -2.40 -15.95
C LYS B 133 0.67 -2.76 -16.43
N MET B 134 0.40 -4.06 -16.54
CA MET B 134 -0.90 -4.53 -16.98
C MET B 134 -1.95 -4.25 -15.90
N ILE B 135 -1.54 -4.29 -14.63
CA ILE B 135 -2.47 -4.01 -13.55
C ILE B 135 -2.93 -2.55 -13.64
N GLU B 136 -2.02 -1.65 -13.96
CA GLU B 136 -2.38 -0.25 -14.09
C GLU B 136 -3.39 -0.07 -15.23
N GLN B 137 -3.07 -0.62 -16.40
CA GLN B 137 -3.94 -0.53 -17.57
C GLN B 137 -5.33 -1.11 -17.40
N VAL B 138 -5.42 -2.33 -16.88
CA VAL B 138 -6.70 -3.00 -16.71
C VAL B 138 -7.61 -2.44 -15.61
N SER B 139 -7.02 -1.99 -14.50
CA SER B 139 -7.86 -1.42 -13.44
C SER B 139 -8.45 -0.09 -13.92
N GLN B 140 -7.68 0.66 -14.69
CA GLN B 140 -8.19 1.93 -15.18
C GLN B 140 -9.38 1.64 -16.09
N GLU B 141 -9.25 0.58 -16.90
CA GLU B 141 -10.31 0.18 -17.80
C GLU B 141 -11.51 -0.30 -16.99
N ILE B 142 -11.26 -1.02 -15.90
CA ILE B 142 -12.33 -1.54 -15.05
C ILE B 142 -13.02 -0.41 -14.31
N PHE B 143 -12.25 0.59 -13.93
CA PHE B 143 -12.78 1.74 -13.22
C PHE B 143 -13.73 2.55 -14.11
N GLU B 144 -13.27 2.88 -15.32
CA GLU B 144 -14.06 3.67 -16.25
C GLU B 144 -15.33 3.02 -16.78
N ARG B 145 -15.43 1.71 -16.69
CA ARG B 145 -16.64 1.04 -17.18
C ARG B 145 -17.68 0.88 -16.08
N ASN B 146 -17.25 0.95 -14.83
CA ASN B 146 -18.16 0.79 -13.71
C ASN B 146 -18.28 2.02 -12.82
N PHE B 147 -17.38 2.99 -13.00
CA PHE B 147 -17.40 4.22 -12.19
C PHE B 147 -17.41 5.47 -13.05
N SER B 148 -18.32 5.55 -14.01
CA SER B 148 -18.34 6.74 -14.86
C SER B 148 -18.83 8.01 -14.18
N GLY B 149 -18.15 8.40 -13.12
CA GLY B 149 -18.49 9.64 -12.44
C GLY B 149 -17.66 10.67 -13.16
N PHE B 150 -16.58 10.18 -13.78
CA PHE B 150 -15.62 10.98 -14.55
C PHE B 150 -14.49 10.03 -14.99
N LYS B 151 -13.93 10.27 -16.18
CA LYS B 151 -12.85 9.44 -16.71
C LYS B 151 -11.47 9.85 -16.23
N VAL B 152 -10.53 8.91 -16.26
CA VAL B 152 -9.16 9.18 -15.80
C VAL B 152 -8.48 10.35 -16.48
N SER B 153 -8.61 10.46 -17.79
CA SER B 153 -8.00 11.56 -18.54
C SER B 153 -8.61 12.87 -18.09
N GLU B 154 -9.90 12.83 -17.81
CA GLU B 154 -10.60 14.02 -17.35
C GLU B 154 -10.09 14.41 -15.96
N ILE B 155 -10.05 13.44 -15.05
CA ILE B 155 -9.55 13.66 -13.70
C ILE B 155 -8.16 14.30 -13.75
N LYS B 156 -7.29 13.74 -14.59
CA LYS B 156 -5.93 14.25 -14.77
C LYS B 156 -5.90 15.70 -15.22
N ALA B 157 -6.69 16.01 -16.25
CA ALA B 157 -6.76 17.36 -16.80
C ALA B 157 -7.28 18.35 -15.76
N ILE B 158 -8.38 17.98 -15.10
CA ILE B 158 -8.94 18.83 -14.06
C ILE B 158 -7.89 19.11 -12.99
N THR B 159 -7.15 18.07 -12.60
CA THR B 159 -6.11 18.22 -11.59
C THR B 159 -5.00 19.15 -12.08
N GLN B 160 -4.54 18.93 -13.32
CA GLN B 160 -3.49 19.76 -13.91
C GLN B 160 -3.88 21.24 -13.83
N ASN B 161 -5.15 21.51 -14.11
CA ASN B 161 -5.68 22.86 -14.09
C ASN B 161 -5.71 23.39 -12.65
N ALA B 162 -5.84 22.49 -11.68
CA ALA B 162 -5.85 22.89 -10.27
C ALA B 162 -4.42 23.24 -9.89
N ILE B 163 -3.49 22.38 -10.27
CA ILE B 163 -2.07 22.62 -9.98
C ILE B 163 -1.67 23.97 -10.56
N LEU B 164 -2.07 24.23 -11.80
CA LEU B 164 -1.75 25.48 -12.46
C LEU B 164 -2.32 26.66 -11.68
N GLU B 165 -3.56 26.52 -11.24
CA GLU B 165 -4.22 27.58 -10.49
C GLU B 165 -3.67 27.84 -9.09
N HIS B 166 -3.36 26.78 -8.37
CA HIS B 166 -2.87 26.94 -7.00
C HIS B 166 -1.36 26.79 -6.79
N VAL B 167 -0.68 26.09 -7.67
CA VAL B 167 0.76 25.92 -7.52
C VAL B 167 1.52 27.03 -8.23
#